data_2OAA
#
_entry.id   2OAA
#
_cell.length_a   53.848
_cell.length_b   81.380
_cell.length_c   71.308
_cell.angle_alpha   90.00
_cell.angle_beta   90.52
_cell.angle_gamma   90.00
#
_symmetry.space_group_name_H-M   'P 1 21 1'
#
loop_
_entity.id
_entity.type
_entity.pdbx_description
1 polymer "5'-D(*GP*GP*TP*AP*CP*CP*TP*GP*GP*AP*T)-3'"
2 polymer "5'-D(*CP*AP*TP*CP*CP*AP*GP*GP*TP*AP*C)-3'"
3 polymer R.MvaI
4 non-polymer 'CALCIUM ION'
5 water water
#
loop_
_entity_poly.entity_id
_entity_poly.type
_entity_poly.pdbx_seq_one_letter_code
_entity_poly.pdbx_strand_id
1 'polydeoxyribonucleotide' (DG)(DG)(DT)(DA)(DC)(DC)(DT)(DG)(DG)(DA)(DT) C,E
2 'polydeoxyribonucleotide' (DC)(DA)(DT)(DC)(DC)(DA)(DG)(DG)(DT)(DA)(DC) D,F
3 'polypeptide(L)'
;MKSMSEYLNLLKEAIQNVVDGGWHETKRKGNTGIGKTFEDLLEKEEDNLDAPDFHDIEIKTHETAAKSLLTLFTKSPTNP
RGANTMLRNRYGKKDEYGNNILHQTVSGNRKTNSNSYNYDFKIDIDWESQVVRLEVFDKQDIMIDNSVYWSFDSLQNQLD
KKLKYIAVISAESKIENEKKYYKYNSANLFTDLTVQSLCRGIENGDIKVDIRIGAYHSGKKKGKTHDHGTAFRINMEKLL
EYGEVKVIV
;
A,B
#
# COMPACT_ATOMS: atom_id res chain seq x y z
N SER E 3 23.34 21.62 -20.93
CA SER E 3 22.55 20.65 -21.75
C SER E 3 22.83 19.19 -21.37
N MET E 4 23.37 18.42 -22.32
CA MET E 4 23.50 16.98 -22.17
C MET E 4 24.95 16.50 -22.13
N SER E 5 25.18 15.39 -21.44
CA SER E 5 26.50 14.81 -21.33
C SER E 5 27.07 14.43 -22.69
N GLU E 6 28.36 14.67 -22.86
CA GLU E 6 29.08 14.25 -24.06
C GLU E 6 29.22 12.73 -24.11
N TYR E 7 28.90 12.07 -23.00
CA TYR E 7 29.17 10.64 -22.84
C TYR E 7 27.90 9.79 -22.84
N LEU E 8 26.77 10.37 -23.21
CA LEU E 8 25.52 9.63 -23.17
C LEU E 8 25.55 8.41 -24.11
N ASN E 9 26.11 8.57 -25.30
CA ASN E 9 26.19 7.43 -26.22
C ASN E 9 27.00 6.27 -25.65
N LEU E 10 28.17 6.58 -25.08
CA LEU E 10 28.99 5.57 -24.43
C LEU E 10 28.26 4.91 -23.27
N LEU E 11 27.51 5.70 -22.51
CA LEU E 11 26.73 5.17 -21.40
C LEU E 11 25.72 4.16 -21.91
N LYS E 12 24.98 4.53 -22.95
CA LYS E 12 23.98 3.64 -23.54
C LYS E 12 24.61 2.33 -23.97
N GLU E 13 25.79 2.38 -24.61
CA GLU E 13 26.48 1.17 -25.03
C GLU E 13 26.90 0.30 -23.85
N ALA E 14 27.39 0.93 -22.78
CA ALA E 14 27.82 0.20 -21.59
C ALA E 14 26.64 -0.50 -20.90
N ILE E 15 25.51 0.22 -20.79
CA ILE E 15 24.30 -0.37 -20.22
C ILE E 15 23.77 -1.50 -21.10
N GLN E 16 23.73 -1.25 -22.42
CA GLN E 16 23.23 -2.26 -23.34
C GLN E 16 24.01 -3.55 -23.25
N ASN E 17 25.32 -3.45 -23.07
CA ASN E 17 26.16 -4.64 -22.91
C ASN E 17 25.75 -5.48 -21.70
N VAL E 18 25.38 -4.81 -20.62
CA VAL E 18 24.95 -5.50 -19.41
C VAL E 18 23.55 -6.12 -19.60
N VAL E 19 22.64 -5.35 -20.19
CA VAL E 19 21.29 -5.85 -20.51
C VAL E 19 21.36 -7.10 -21.39
N ASP E 20 22.24 -7.07 -22.37
CA ASP E 20 22.39 -8.21 -23.30
C ASP E 20 22.95 -9.46 -22.62
N GLY E 21 23.54 -9.27 -21.44
CA GLY E 21 24.13 -10.37 -20.68
C GLY E 21 23.14 -11.23 -19.91
N GLY E 22 21.89 -10.79 -19.81
CA GLY E 22 20.84 -11.57 -19.15
C GLY E 22 21.05 -11.71 -17.65
N TRP E 23 20.89 -12.91 -17.11
CA TRP E 23 21.02 -13.15 -15.67
C TRP E 23 22.48 -13.18 -15.22
N HIS E 24 22.77 -12.46 -14.15
CA HIS E 24 24.12 -12.35 -13.61
C HIS E 24 24.11 -12.76 -12.14
N GLU E 25 24.96 -13.72 -11.77
CA GLU E 25 25.09 -14.10 -10.37
C GLU E 25 25.60 -12.93 -9.53
N THR E 26 25.04 -12.77 -8.33
CA THR E 26 25.50 -11.68 -7.48
C THR E 26 26.99 -11.75 -7.15
N LYS E 27 27.62 -10.57 -7.16
CA LYS E 27 29.01 -10.44 -6.76
C LYS E 27 29.18 -10.10 -5.27
N ARG E 28 28.07 -9.85 -4.58
CA ARG E 28 28.13 -9.54 -3.15
C ARG E 28 26.78 -9.86 -2.54
N LYS E 29 26.78 -10.80 -1.61
CA LYS E 29 25.54 -11.20 -0.96
C LYS E 29 25.01 -10.03 -0.15
N GLY E 30 23.69 -9.90 -0.08
CA GLY E 30 23.07 -8.77 0.58
C GLY E 30 22.39 -7.82 -0.41
N ASN E 31 21.62 -6.89 0.13
CA ASN E 31 20.88 -5.91 -0.68
C ASN E 31 21.79 -5.14 -1.65
N THR E 32 23.02 -4.86 -1.22
CA THR E 32 23.97 -4.11 -2.01
C THR E 32 24.35 -4.81 -3.32
N GLY E 33 24.16 -6.12 -3.38
CA GLY E 33 24.64 -6.92 -4.52
C GLY E 33 24.17 -6.43 -5.87
N ILE E 34 22.96 -5.90 -5.93
CA ILE E 34 22.44 -5.47 -7.22
C ILE E 34 23.34 -4.39 -7.82
N GLY E 35 23.83 -3.51 -6.96
CA GLY E 35 24.66 -2.38 -7.39
C GLY E 35 26.11 -2.79 -7.59
N LYS E 36 26.61 -3.65 -6.70
CA LYS E 36 28.01 -4.12 -6.80
C LYS E 36 28.16 -4.96 -8.06
N THR E 37 27.19 -5.82 -8.32
CA THR E 37 27.21 -6.67 -9.52
C THR E 37 27.23 -5.84 -10.81
N PHE E 38 26.42 -4.80 -10.87
CA PHE E 38 26.40 -3.93 -12.04
C PHE E 38 27.74 -3.20 -12.21
N GLU E 39 28.27 -2.64 -11.12
CA GLU E 39 29.57 -1.96 -11.20
C GLU E 39 30.67 -2.89 -11.66
N ASP E 40 30.68 -4.13 -11.18
CA ASP E 40 31.66 -5.13 -11.63
C ASP E 40 31.57 -5.38 -13.13
N LEU E 41 30.35 -5.43 -13.67
CA LEU E 41 30.15 -5.65 -15.10
C LEU E 41 30.67 -4.49 -15.96
N LEU E 42 30.61 -3.28 -15.41
CA LEU E 42 31.18 -2.10 -16.07
C LEU E 42 32.68 -1.95 -15.83
N GLU E 43 33.28 -2.91 -15.12
CA GLU E 43 34.69 -2.88 -14.76
C GLU E 43 35.04 -1.62 -13.96
N LYS E 44 34.11 -1.21 -13.10
CA LYS E 44 34.30 -0.08 -12.21
C LYS E 44 34.61 -0.61 -10.82
N GLU E 45 35.77 -0.23 -10.27
CA GLU E 45 36.11 -0.56 -8.89
C GLU E 45 35.23 0.25 -7.97
N GLU E 46 34.79 -0.37 -6.87
CA GLU E 46 33.97 0.33 -5.90
C GLU E 46 34.77 1.47 -5.30
N ASP E 47 34.06 2.52 -4.92
CA ASP E 47 34.70 3.69 -4.33
C ASP E 47 33.75 4.41 -3.42
N ASN E 48 34.29 5.37 -2.66
CA ASN E 48 33.45 6.13 -1.75
C ASN E 48 33.45 7.62 -2.03
N LEU E 49 33.74 7.98 -3.28
CA LEU E 49 33.73 9.39 -3.69
C LEU E 49 32.33 9.86 -4.05
N ASP E 50 31.99 11.08 -3.65
CA ASP E 50 30.73 11.71 -4.04
C ASP E 50 30.84 12.39 -5.40
N ALA E 51 31.21 11.60 -6.40
CA ALA E 51 31.36 12.03 -7.79
C ALA E 51 30.49 11.09 -8.62
N PRO E 52 30.20 11.45 -9.89
CA PRO E 52 29.39 10.52 -10.68
C PRO E 52 30.14 9.23 -11.05
N ASP E 53 29.39 8.23 -11.50
CA ASP E 53 29.95 6.90 -11.73
C ASP E 53 30.64 6.74 -13.07
N PHE E 54 30.10 7.39 -14.10
CA PHE E 54 30.51 7.18 -15.47
C PHE E 54 30.68 8.56 -16.10
N HIS E 55 31.92 9.03 -16.13
CA HIS E 55 32.22 10.42 -16.50
C HIS E 55 31.35 11.36 -15.67
N ASP E 56 30.41 12.08 -16.31
CA ASP E 56 29.57 13.02 -15.56
C ASP E 56 28.18 12.48 -15.21
N ILE E 57 27.98 11.18 -15.44
CA ILE E 57 26.66 10.56 -15.26
C ILE E 57 26.65 9.63 -14.05
N GLU E 58 25.64 9.78 -13.20
CA GLU E 58 25.41 8.91 -12.07
C GLU E 58 24.60 7.69 -12.53
N ILE E 59 24.96 6.52 -12.06
CA ILE E 59 24.23 5.30 -12.37
C ILE E 59 23.61 4.74 -11.09
N LYS E 60 22.36 4.32 -11.15
CA LYS E 60 21.74 3.67 -9.99
C LYS E 60 20.96 2.48 -10.48
N THR E 61 21.10 1.34 -9.80
CA THR E 61 20.25 0.19 -10.09
C THR E 61 19.08 0.11 -9.11
N HIS E 62 17.98 -0.48 -9.56
CA HIS E 62 16.78 -0.53 -8.75
C HIS E 62 15.93 -1.74 -9.13
N GLU E 63 15.69 -2.61 -8.17
CA GLU E 63 14.86 -3.79 -8.43
C GLU E 63 13.39 -3.37 -8.40
N THR E 64 12.78 -3.37 -9.57
CA THR E 64 11.43 -2.82 -9.74
C THR E 64 10.43 -3.42 -8.78
N ALA E 65 10.44 -4.75 -8.68
CA ALA E 65 9.46 -5.43 -7.83
C ALA E 65 9.61 -5.16 -6.35
N ALA E 66 10.82 -4.79 -5.91
CA ALA E 66 11.07 -4.56 -4.49
C ALA E 66 10.51 -3.22 -4.05
N LYS E 67 10.37 -2.28 -5.00
CA LYS E 67 9.71 -1.00 -4.73
C LYS E 67 10.35 -0.21 -3.59
N SER E 68 11.66 -0.35 -3.44
CA SER E 68 12.34 0.43 -2.41
C SER E 68 12.50 1.87 -2.87
N LEU E 69 12.69 2.77 -1.90
CA LEU E 69 13.06 4.14 -2.21
C LEU E 69 14.40 4.15 -2.93
N LEU E 70 14.55 5.08 -3.89
CA LEU E 70 15.81 5.23 -4.61
C LEU E 70 16.72 6.16 -3.81
N THR E 71 17.85 5.64 -3.36
CA THR E 71 18.79 6.48 -2.62
C THR E 71 19.54 7.39 -3.59
N LEU E 72 19.38 8.70 -3.39
CA LEU E 72 19.98 9.69 -4.27
C LEU E 72 21.44 9.98 -3.90
N PHE E 73 21.66 10.26 -2.61
CA PHE E 73 22.98 10.57 -2.10
C PHE E 73 22.88 10.56 -0.58
N THR E 74 24.04 10.49 0.07
CA THR E 74 24.10 10.66 1.51
C THR E 74 24.88 11.90 1.87
N LYS E 75 24.53 12.50 3.00
CA LYS E 75 25.26 13.64 3.48
C LYS E 75 25.05 13.80 4.97
N SER E 76 26.13 13.88 5.72
CA SER E 76 26.01 14.15 7.15
C SER E 76 25.51 15.57 7.36
N PRO E 77 24.78 15.80 8.47
CA PRO E 77 24.29 17.14 8.77
C PRO E 77 25.34 18.21 8.73
N THR E 78 24.92 19.42 8.36
CA THR E 78 25.79 20.59 8.36
C THR E 78 26.21 20.93 9.78
N ASN E 79 25.28 20.76 10.71
CA ASN E 79 25.53 21.01 12.12
C ASN E 79 24.51 20.26 12.94
N PRO E 80 24.79 20.04 14.23
CA PRO E 80 26.05 20.38 14.90
C PRO E 80 27.15 19.40 14.51
N ARG E 81 28.38 19.70 14.93
CA ARG E 81 29.49 18.76 14.78
C ARG E 81 29.14 17.46 15.49
N GLY E 82 29.39 16.34 14.83
CA GLY E 82 29.11 15.02 15.40
C GLY E 82 27.62 14.73 15.53
N ALA E 83 26.81 15.35 14.67
CA ALA E 83 25.36 15.22 14.78
C ALA E 83 24.86 13.77 14.82
N ASN E 84 25.34 12.91 13.93
CA ASN E 84 24.81 11.56 13.89
C ASN E 84 25.17 10.74 15.12
N THR E 85 26.37 10.97 15.66
CA THR E 85 26.76 10.34 16.91
C THR E 85 25.85 10.79 18.05
N MET E 86 25.54 12.08 18.09
N MET E 86 25.54 12.08 18.08
CA MET E 86 24.62 12.62 19.08
CA MET E 86 24.63 12.63 19.08
C MET E 86 23.25 11.97 18.94
C MET E 86 23.24 12.00 18.95
N LEU E 87 22.74 11.89 17.72
CA LEU E 87 21.41 11.28 17.50
C LEU E 87 21.35 9.83 17.97
N ARG E 88 22.38 9.05 17.63
CA ARG E 88 22.51 7.68 18.05
C ARG E 88 22.51 7.60 19.58
N ASN E 89 23.37 8.40 20.22
CA ASN E 89 23.57 8.31 21.66
C ASN E 89 22.31 8.74 22.42
N ARG E 90 21.65 9.80 21.96
CA ARG E 90 20.48 10.34 22.66
C ARG E 90 19.17 9.66 22.34
N TYR E 91 18.99 9.21 21.09
CA TYR E 91 17.66 8.78 20.66
C TYR E 91 17.59 7.36 20.13
N GLY E 92 18.73 6.69 20.06
CA GLY E 92 18.77 5.31 19.58
C GLY E 92 18.22 4.28 20.53
N LYS E 93 18.11 3.04 20.04
CA LYS E 93 17.70 1.90 20.86
C LYS E 93 18.82 0.87 20.92
N LYS E 94 18.78 0.01 21.94
CA LYS E 94 19.82 -0.98 22.17
C LYS E 94 19.72 -2.13 21.19
N ASP E 95 20.86 -2.52 20.63
CA ASP E 95 20.90 -3.66 19.71
C ASP E 95 21.53 -4.88 20.36
N GLU E 96 21.72 -5.96 19.60
CA GLU E 96 22.23 -7.23 20.12
C GLU E 96 23.67 -7.17 20.59
N TYR E 97 24.40 -6.14 20.18
CA TYR E 97 25.81 -5.96 20.52
C TYR E 97 26.05 -4.98 21.65
N GLY E 98 24.99 -4.29 22.09
CA GLY E 98 25.11 -3.24 23.11
C GLY E 98 25.30 -1.84 22.55
N ASN E 99 25.20 -1.72 21.22
CA ASN E 99 25.19 -0.40 20.58
C ASN E 99 23.83 0.24 20.71
N ASN E 100 23.79 1.56 20.57
CA ASN E 100 22.56 2.22 20.20
C ASN E 100 22.51 2.25 18.68
N ILE E 101 21.33 1.95 18.14
CA ILE E 101 21.09 2.06 16.70
C ILE E 101 19.93 3.03 16.47
N LEU E 102 19.87 3.57 15.26
CA LEU E 102 18.78 4.50 14.92
C LEU E 102 18.53 4.46 13.43
N HIS E 103 17.51 3.70 13.04
CA HIS E 103 17.04 3.72 11.65
C HIS E 103 15.67 4.36 11.66
N GLN E 104 15.56 5.51 10.99
CA GLN E 104 14.29 6.22 10.90
C GLN E 104 14.16 6.86 9.55
N THR E 105 13.07 6.55 8.85
CA THR E 105 12.75 7.18 7.59
C THR E 105 11.85 8.37 7.88
N VAL E 106 12.42 9.57 7.74
CA VAL E 106 11.76 10.78 8.21
C VAL E 106 11.16 11.57 7.05
N SER E 107 9.95 12.10 7.30
CA SER E 107 9.18 12.81 6.29
C SER E 107 8.96 14.26 6.71
N GLY E 108 8.66 15.12 5.74
CA GLY E 108 8.37 16.53 6.01
C GLY E 108 6.90 16.82 6.23
N ASN E 109 6.03 15.85 5.97
CA ASN E 109 4.58 16.08 6.05
C ASN E 109 3.87 15.44 7.23
N ARG E 110 4.58 14.61 7.99
CA ARG E 110 4.02 13.94 9.16
C ARG E 110 5.16 13.48 10.04
N LYS E 111 4.87 13.25 11.31
CA LYS E 111 5.82 12.67 12.26
C LYS E 111 5.81 11.15 12.16
N THR E 112 6.94 10.53 12.42
CA THR E 112 6.99 9.07 12.60
C THR E 112 6.12 8.67 13.80
N ASN E 113 5.68 7.42 13.82
CA ASN E 113 5.00 6.88 15.00
C ASN E 113 5.66 5.56 15.33
N SER E 114 6.89 5.64 15.84
CA SER E 114 7.70 4.46 16.06
C SER E 114 7.24 3.71 17.28
N ASN E 115 7.15 2.38 17.17
CA ASN E 115 6.82 1.56 18.32
C ASN E 115 8.05 1.07 19.05
N SER E 116 9.16 0.93 18.33
CA SER E 116 10.37 0.35 18.91
C SER E 116 11.36 1.39 19.44
N TYR E 117 11.15 2.65 19.08
CA TYR E 117 11.99 3.75 19.55
C TYR E 117 11.20 4.63 20.51
N ASN E 118 11.90 5.44 21.30
CA ASN E 118 11.25 6.23 22.35
C ASN E 118 11.08 7.70 21.98
N TYR E 119 11.29 7.99 20.70
CA TYR E 119 11.19 9.35 20.16
C TYR E 119 10.59 9.28 18.79
N ASP E 120 10.03 10.40 18.35
CA ASP E 120 9.52 10.53 16.98
C ASP E 120 10.22 11.66 16.25
N PHE E 121 10.08 11.68 14.92
CA PHE E 121 10.93 12.52 14.08
C PHE E 121 10.12 13.10 12.96
N LYS E 122 10.46 14.34 12.62
CA LYS E 122 9.87 15.01 11.47
C LYS E 122 10.92 15.94 10.85
N ILE E 123 10.77 16.22 9.56
CA ILE E 123 11.62 17.24 8.90
C ILE E 123 10.84 18.53 8.76
N ASP E 124 11.49 19.64 9.11
CA ASP E 124 10.99 20.96 8.75
C ASP E 124 11.85 21.54 7.65
N ILE E 125 11.22 21.85 6.53
CA ILE E 125 11.90 22.60 5.50
C ILE E 125 11.70 24.07 5.82
N ASP E 126 12.79 24.74 6.13
CA ASP E 126 12.74 26.15 6.52
C ASP E 126 13.14 26.95 5.29
N TRP E 127 12.13 27.38 4.53
CA TRP E 127 12.37 28.07 3.28
C TRP E 127 12.93 29.48 3.49
N GLU E 128 12.64 30.09 4.64
CA GLU E 128 13.20 31.41 4.95
C GLU E 128 14.71 31.34 5.18
N SER E 129 15.13 30.38 6.01
N SER E 129 15.17 30.42 6.03
CA SER E 129 16.52 30.21 6.41
CA SER E 129 16.60 30.34 6.32
C SER E 129 17.29 29.27 5.50
C SER E 129 17.33 29.41 5.35
N GLN E 130 16.58 28.67 4.53
CA GLN E 130 17.19 27.76 3.55
C GLN E 130 17.97 26.62 4.24
N VAL E 131 17.29 25.95 5.17
CA VAL E 131 17.82 24.74 5.79
C VAL E 131 16.76 23.66 5.82
N VAL E 132 17.25 22.43 5.88
CA VAL E 132 16.45 21.25 6.14
C VAL E 132 16.73 20.87 7.57
N ARG E 133 15.72 20.92 8.43
CA ARG E 133 15.94 20.71 9.86
C ARG E 133 15.26 19.45 10.38
N LEU E 134 15.96 18.69 11.20
CA LEU E 134 15.35 17.54 11.85
C LEU E 134 14.76 17.92 13.19
N GLU E 135 13.50 17.55 13.40
CA GLU E 135 12.80 17.79 14.66
C GLU E 135 12.62 16.46 15.38
N VAL E 136 13.07 16.40 16.63
CA VAL E 136 12.93 15.22 17.47
C VAL E 136 11.88 15.51 18.54
N PHE E 137 10.94 14.58 18.69
CA PHE E 137 9.84 14.70 19.64
C PHE E 137 9.91 13.59 20.68
N ASP E 138 9.57 13.91 21.92
CA ASP E 138 9.37 12.85 22.89
C ASP E 138 7.98 12.23 22.68
N LYS E 139 7.67 11.16 23.41
CA LYS E 139 6.38 10.49 23.23
C LYS E 139 5.20 11.28 23.80
N GLN E 140 5.48 12.39 24.47
CA GLN E 140 4.43 13.31 24.92
C GLN E 140 4.21 14.43 23.92
N ASP E 141 4.78 14.28 22.72
CA ASP E 141 4.59 15.21 21.61
C ASP E 141 5.28 16.56 21.79
N ILE E 142 6.28 16.61 22.67
CA ILE E 142 7.05 17.83 22.85
C ILE E 142 8.26 17.78 21.93
N MET E 143 8.50 18.86 21.20
N MET E 143 8.46 18.84 21.16
CA MET E 143 9.68 18.96 20.35
CA MET E 143 9.69 18.95 20.39
C MET E 143 10.91 19.31 21.19
C MET E 143 10.82 19.24 21.37
N ILE E 144 11.77 18.32 21.42
CA ILE E 144 12.89 18.43 22.38
C ILE E 144 14.24 18.81 21.75
N ASP E 145 14.36 18.70 20.43
CA ASP E 145 15.67 18.88 19.79
C ASP E 145 15.49 19.13 18.31
N ASN E 146 15.76 20.35 17.87
CA ASN E 146 15.78 20.63 16.43
C ASN E 146 17.12 21.23 16.00
N SER E 147 18.19 20.78 16.66
CA SER E 147 19.54 21.28 16.40
C SER E 147 20.14 20.77 15.09
N VAL E 148 19.71 19.60 14.63
CA VAL E 148 20.34 18.96 13.46
C VAL E 148 19.79 19.54 12.16
N TYR E 149 20.67 20.01 11.28
CA TYR E 149 20.18 20.55 10.00
C TYR E 149 21.20 20.38 8.88
N TRP E 150 20.69 20.52 7.66
CA TRP E 150 21.50 20.59 6.45
C TRP E 150 21.18 21.90 5.76
N SER E 151 22.21 22.65 5.38
CA SER E 151 21.96 23.87 4.60
C SER E 151 21.54 23.50 3.17
N PHE E 152 20.69 24.33 2.56
CA PHE E 152 20.36 24.12 1.15
C PHE E 152 21.64 24.10 0.33
N ASP E 153 22.59 24.98 0.66
CA ASP E 153 23.85 25.04 -0.07
C ASP E 153 24.61 23.70 -0.04
N SER E 154 24.64 23.04 1.12
N SER E 154 24.62 23.04 1.12
CA SER E 154 25.33 21.77 1.21
CA SER E 154 25.31 21.76 1.26
C SER E 154 24.66 20.76 0.28
C SER E 154 24.66 20.70 0.37
N LEU E 155 23.34 20.70 0.34
CA LEU E 155 22.60 19.72 -0.47
C LEU E 155 22.76 20.01 -1.96
N GLN E 156 22.69 21.28 -2.31
CA GLN E 156 22.90 21.68 -3.71
C GLN E 156 24.30 21.31 -4.18
N ASN E 157 25.28 21.42 -3.28
N ASN E 157 25.27 21.43 -3.27
CA ASN E 157 26.65 21.04 -3.64
CA ASN E 157 26.66 21.04 -3.55
C ASN E 157 26.76 19.56 -3.97
C ASN E 157 26.71 19.58 -3.99
N GLN E 158 26.05 18.71 -3.23
CA GLN E 158 26.04 17.28 -3.55
C GLN E 158 25.32 17.01 -4.86
N LEU E 159 24.20 17.71 -5.10
CA LEU E 159 23.47 17.53 -6.36
C LEU E 159 24.32 17.94 -7.55
N ASP E 160 25.04 19.06 -7.42
CA ASP E 160 25.91 19.54 -8.51
C ASP E 160 27.08 18.59 -8.76
N LYS E 161 27.65 18.02 -7.70
CA LYS E 161 28.82 17.13 -7.83
C LYS E 161 28.43 15.82 -8.49
N LYS E 162 27.27 15.30 -8.13
CA LYS E 162 26.95 13.87 -8.32
C LYS E 162 25.77 13.61 -9.25
N LEU E 163 24.77 14.50 -9.24
CA LEU E 163 23.42 14.10 -9.69
C LEU E 163 22.82 14.96 -10.85
N LYS E 164 23.66 15.50 -11.72
CA LYS E 164 23.16 16.25 -12.89
C LYS E 164 22.40 15.32 -13.84
N TYR E 165 22.94 14.11 -14.04
CA TYR E 165 22.32 13.13 -14.92
C TYR E 165 22.22 11.82 -14.18
N ILE E 166 21.02 11.37 -13.88
CA ILE E 166 20.85 10.12 -13.13
C ILE E 166 20.27 9.01 -14.03
N ALA E 167 21.11 8.05 -14.41
CA ALA E 167 20.67 6.90 -15.17
C ALA E 167 20.19 5.82 -14.22
N VAL E 168 18.88 5.59 -14.19
CA VAL E 168 18.31 4.58 -13.30
C VAL E 168 18.07 3.32 -14.10
N ILE E 169 18.71 2.24 -13.67
CA ILE E 169 18.61 0.96 -14.35
C ILE E 169 17.65 0.05 -13.61
N SER E 170 16.53 -0.25 -14.24
CA SER E 170 15.52 -1.11 -13.63
C SER E 170 15.88 -2.57 -13.83
N ALA E 171 15.69 -3.35 -12.78
CA ALA E 171 16.21 -4.72 -12.75
C ALA E 171 15.22 -5.66 -12.07
N GLU E 172 15.52 -6.95 -12.21
CA GLU E 172 14.79 -7.97 -11.47
C GLU E 172 15.79 -8.92 -10.85
N SER E 173 15.32 -9.72 -9.89
CA SER E 173 16.16 -10.71 -9.23
C SER E 173 15.46 -12.04 -9.16
N LYS E 174 16.24 -13.08 -8.94
CA LYS E 174 15.70 -14.39 -8.62
C LYS E 174 16.70 -15.17 -7.78
N ILE E 175 16.18 -16.16 -7.08
CA ILE E 175 17.00 -17.15 -6.39
C ILE E 175 16.76 -18.46 -7.11
N GLU E 176 17.85 -19.08 -7.54
CA GLU E 176 17.77 -20.32 -8.29
C GLU E 176 18.95 -21.18 -7.92
N ASN E 177 18.69 -22.46 -7.65
CA ASN E 177 19.75 -23.39 -7.23
C ASN E 177 20.62 -22.79 -6.11
N GLU E 178 19.95 -22.16 -5.13
CA GLU E 178 20.58 -21.59 -3.93
C GLU E 178 21.53 -20.43 -4.20
N LYS E 179 21.38 -19.79 -5.37
CA LYS E 179 22.20 -18.63 -5.73
C LYS E 179 21.30 -17.46 -6.14
N LYS E 180 21.79 -16.24 -5.91
CA LYS E 180 21.06 -15.02 -6.22
C LYS E 180 21.55 -14.45 -7.55
N TYR E 181 20.59 -14.07 -8.40
CA TYR E 181 20.87 -13.51 -9.73
C TYR E 181 20.14 -12.20 -9.94
N TYR E 182 20.76 -11.33 -10.73
CA TYR E 182 20.13 -10.10 -11.19
C TYR E 182 20.09 -10.02 -12.70
N LYS E 183 19.04 -9.41 -13.21
CA LYS E 183 18.91 -9.15 -14.63
C LYS E 183 18.50 -7.69 -14.80
N TYR E 184 19.26 -6.97 -15.64
CA TYR E 184 19.05 -5.55 -15.84
C TYR E 184 18.30 -5.36 -17.13
N ASN E 185 17.17 -4.65 -17.04
CA ASN E 185 16.20 -4.66 -18.14
C ASN E 185 16.08 -3.40 -18.98
N SER E 186 16.24 -2.24 -18.34
CA SER E 186 15.99 -0.98 -19.04
C SER E 186 16.64 0.14 -18.26
N ALA E 187 16.67 1.32 -18.87
CA ALA E 187 17.24 2.50 -18.19
C ALA E 187 16.52 3.76 -18.59
N ASN E 188 16.27 4.59 -17.59
CA ASN E 188 15.74 5.94 -17.76
C ASN E 188 16.78 6.95 -17.32
N LEU E 189 16.75 8.14 -17.89
CA LEU E 189 17.60 9.24 -17.45
C LEU E 189 16.74 10.28 -16.75
N PHE E 190 17.08 10.53 -15.48
CA PHE E 190 16.37 11.47 -14.60
C PHE E 190 17.24 12.71 -14.45
N THR E 191 16.72 13.86 -14.92
CA THR E 191 17.46 15.11 -14.94
C THR E 191 16.64 16.21 -14.26
N ASP E 192 17.27 17.35 -14.04
CA ASP E 192 16.60 18.56 -13.53
C ASP E 192 16.16 18.46 -12.06
N LEU E 193 16.74 17.53 -11.30
CA LEU E 193 16.57 17.55 -9.84
C LEU E 193 17.38 18.73 -9.31
N THR E 194 16.72 19.60 -8.56
CA THR E 194 17.36 20.79 -7.99
C THR E 194 17.17 20.76 -6.48
N VAL E 195 17.86 21.63 -5.74
CA VAL E 195 17.67 21.64 -4.29
C VAL E 195 16.24 22.08 -3.96
N GLN E 196 15.69 22.93 -4.82
CA GLN E 196 14.33 23.40 -4.62
C GLN E 196 13.31 22.29 -4.86
N SER E 197 13.51 21.49 -5.90
CA SER E 197 12.60 20.35 -6.09
C SER E 197 12.82 19.27 -5.02
N LEU E 198 14.07 19.02 -4.63
CA LEU E 198 14.36 18.10 -3.55
C LEU E 198 13.60 18.46 -2.28
N CYS E 199 13.68 19.73 -1.90
CA CYS E 199 13.11 20.17 -0.63
C CYS E 199 11.58 20.21 -0.67
N ARG E 200 11.01 20.56 -1.82
CA ARG E 200 9.56 20.43 -2.04
C ARG E 200 9.13 18.97 -1.86
N GLY E 201 9.92 18.04 -2.39
CA GLY E 201 9.58 16.64 -2.25
C GLY E 201 9.64 16.15 -0.82
N ILE E 202 10.62 16.65 -0.07
CA ILE E 202 10.70 16.31 1.34
C ILE E 202 9.47 16.85 2.06
N GLU E 203 9.13 18.11 1.79
CA GLU E 203 7.98 18.72 2.45
C GLU E 203 6.68 17.94 2.17
N ASN E 204 6.57 17.39 0.97
CA ASN E 204 5.35 16.73 0.52
C ASN E 204 5.30 15.23 0.89
N GLY E 205 6.44 14.67 1.29
CA GLY E 205 6.47 13.25 1.67
C GLY E 205 6.99 12.31 0.60
N ASP E 206 7.26 12.82 -0.59
CA ASP E 206 7.75 12.00 -1.71
C ASP E 206 9.24 11.69 -1.68
N ILE E 207 9.99 12.49 -0.92
CA ILE E 207 11.42 12.30 -0.74
C ILE E 207 11.63 12.25 0.76
N LYS E 208 12.42 11.28 1.20
CA LYS E 208 12.62 11.06 2.62
C LYS E 208 14.03 11.41 3.03
N VAL E 209 14.19 11.78 4.29
CA VAL E 209 15.48 11.87 4.90
C VAL E 209 15.64 10.67 5.78
N ASP E 210 16.57 9.79 5.42
CA ASP E 210 16.64 8.49 6.06
C ASP E 210 17.85 8.41 6.97
N ILE E 211 17.62 8.36 8.27
CA ILE E 211 18.69 8.17 9.24
C ILE E 211 18.96 6.67 9.31
N ARG E 212 20.21 6.28 9.08
CA ARG E 212 20.52 4.87 8.88
C ARG E 212 21.71 4.40 9.71
N ILE E 213 21.52 4.44 11.03
CA ILE E 213 22.60 4.08 11.93
C ILE E 213 22.38 2.68 12.50
N GLY E 214 23.20 1.76 12.02
CA GLY E 214 23.09 0.37 12.39
C GLY E 214 24.38 -0.15 13.00
N ALA E 215 24.71 -1.38 12.64
CA ALA E 215 25.93 -2.05 13.10
C ALA E 215 26.43 -2.97 12.01
N TYR E 216 27.73 -3.27 12.03
CA TYR E 216 28.30 -4.28 11.15
C TYR E 216 27.96 -5.67 11.68
N HIS E 217 27.75 -6.64 10.78
CA HIS E 217 27.29 -7.98 11.21
C HIS E 217 28.19 -9.12 10.80
N SER E 218 29.29 -8.79 10.13
CA SER E 218 30.28 -9.77 9.70
C SER E 218 31.55 -9.02 9.35
N GLY E 219 32.65 -9.75 9.25
CA GLY E 219 33.95 -9.16 8.98
C GLY E 219 34.66 -8.76 10.26
N LYS E 220 35.72 -7.99 10.11
CA LYS E 220 36.57 -7.57 11.24
C LYS E 220 35.84 -6.62 12.19
N LYS E 221 34.86 -5.90 11.63
CA LYS E 221 34.12 -4.88 12.35
C LYS E 221 32.82 -5.39 13.00
N LYS E 222 32.61 -6.70 13.02
CA LYS E 222 31.35 -7.25 13.51
C LYS E 222 30.99 -6.70 14.90
N GLY E 223 29.79 -6.14 15.00
CA GLY E 223 29.29 -5.62 16.26
C GLY E 223 29.55 -4.14 16.47
N LYS E 224 30.34 -3.55 15.59
CA LYS E 224 30.67 -2.13 15.71
C LYS E 224 29.61 -1.28 15.03
N THR E 225 29.48 -0.05 15.49
N THR E 225 29.49 -0.05 15.49
CA THR E 225 28.54 0.91 14.91
CA THR E 225 28.57 0.91 14.91
C THR E 225 28.80 1.12 13.41
C THR E 225 28.81 1.10 13.40
N HIS E 226 27.71 1.15 12.65
CA HIS E 226 27.76 1.33 11.21
C HIS E 226 26.73 2.36 10.78
N ASP E 227 27.17 3.61 10.63
CA ASP E 227 26.32 4.66 10.06
C ASP E 227 26.44 4.52 8.55
N HIS E 228 25.34 4.12 7.92
CA HIS E 228 25.32 3.98 6.46
C HIS E 228 25.25 5.33 5.77
N GLY E 229 25.17 6.38 6.57
CA GLY E 229 25.08 7.74 6.03
C GLY E 229 23.62 8.15 5.91
N THR E 230 23.31 9.38 6.31
CA THR E 230 21.95 9.87 6.19
C THR E 230 21.65 10.10 4.72
N ALA E 231 20.58 9.45 4.25
CA ALA E 231 20.29 9.40 2.81
C ALA E 231 19.07 10.20 2.45
N PHE E 232 19.13 10.80 1.27
CA PHE E 232 18.00 11.50 0.67
C PHE E 232 17.44 10.56 -0.39
N ARG E 233 16.21 10.10 -0.18
CA ARG E 233 15.67 8.95 -0.92
C ARG E 233 14.32 9.28 -1.52
N ILE E 234 14.16 8.96 -2.81
CA ILE E 234 12.94 9.36 -3.53
C ILE E 234 12.05 8.17 -3.87
N ASN E 235 10.74 8.39 -3.79
CA ASN E 235 9.76 7.41 -4.24
C ASN E 235 9.76 7.34 -5.77
N MET E 236 10.05 6.16 -6.30
CA MET E 236 10.17 5.97 -7.74
C MET E 236 8.89 6.31 -8.52
N GLU E 237 7.75 6.24 -7.83
CA GLU E 237 6.49 6.57 -8.48
C GLU E 237 6.34 8.07 -8.73
N LYS E 238 7.24 8.88 -8.18
CA LYS E 238 7.04 10.33 -8.15
C LYS E 238 8.09 11.14 -8.90
N LEU E 239 9.00 10.48 -9.62
CA LEU E 239 10.11 11.18 -10.27
C LEU E 239 9.66 12.36 -11.13
N LEU E 240 8.54 12.20 -11.84
CA LEU E 240 8.11 13.22 -12.83
C LEU E 240 7.66 14.54 -12.19
N GLU E 241 7.44 14.51 -10.87
CA GLU E 241 7.10 15.72 -10.15
C GLU E 241 8.32 16.51 -9.69
N TYR E 242 9.52 15.92 -9.84
CA TYR E 242 10.75 16.50 -9.30
C TYR E 242 11.87 16.68 -10.31
N GLY E 243 11.63 16.23 -11.52
CA GLY E 243 12.59 16.36 -12.61
C GLY E 243 11.95 15.84 -13.90
N GLU E 244 12.79 15.65 -14.91
CA GLU E 244 12.35 15.06 -16.17
C GLU E 244 12.90 13.65 -16.29
N VAL E 245 12.15 12.78 -16.96
CA VAL E 245 12.54 11.39 -17.16
C VAL E 245 12.36 10.97 -18.61
N LYS E 246 13.40 10.41 -19.19
CA LYS E 246 13.24 9.85 -20.53
C LYS E 246 13.91 8.48 -20.65
N VAL E 247 13.34 7.63 -21.48
CA VAL E 247 13.89 6.28 -21.71
C VAL E 247 15.16 6.41 -22.52
N ILE E 248 16.23 5.76 -22.07
CA ILE E 248 17.50 5.78 -22.82
C ILE E 248 17.96 4.42 -23.31
N VAL E 249 17.53 3.35 -22.64
CA VAL E 249 17.84 1.98 -23.06
C VAL E 249 16.60 1.12 -22.88
N LYS F 2 -37.32 7.17 -15.58
CA LYS F 2 -36.25 6.82 -14.60
C LYS F 2 -34.88 6.76 -15.29
N SER F 3 -33.82 6.93 -14.51
CA SER F 3 -32.45 6.84 -15.02
C SER F 3 -32.18 5.48 -15.64
N MET F 4 -31.51 5.47 -16.78
CA MET F 4 -30.96 4.23 -17.32
C MET F 4 -29.61 4.48 -17.99
N SER F 5 -28.71 3.53 -17.80
CA SER F 5 -27.37 3.62 -18.38
C SER F 5 -27.42 3.50 -19.88
N GLU F 6 -26.66 4.37 -20.54
CA GLU F 6 -26.50 4.35 -21.99
C GLU F 6 -25.78 3.08 -22.46
N TYR F 7 -25.18 2.36 -21.51
CA TYR F 7 -24.33 1.21 -21.81
C TYR F 7 -24.95 -0.13 -21.43
N LEU F 8 -26.23 -0.13 -21.04
CA LEU F 8 -26.90 -1.37 -20.64
C LEU F 8 -26.99 -2.39 -21.78
N ASN F 9 -27.38 -1.95 -22.97
CA ASN F 9 -27.47 -2.85 -24.13
C ASN F 9 -26.13 -3.50 -24.46
N LEU F 10 -25.05 -2.73 -24.34
CA LEU F 10 -23.72 -3.26 -24.58
C LEU F 10 -23.33 -4.28 -23.52
N LEU F 11 -23.72 -4.02 -22.28
CA LEU F 11 -23.46 -4.98 -21.22
C LEU F 11 -24.27 -6.26 -21.41
N LYS F 12 -25.53 -6.13 -21.80
CA LYS F 12 -26.40 -7.28 -22.04
C LYS F 12 -25.74 -8.20 -23.06
N GLU F 13 -25.22 -7.60 -24.13
CA GLU F 13 -24.56 -8.35 -25.18
C GLU F 13 -23.31 -9.06 -24.67
N ALA F 14 -22.53 -8.34 -23.86
CA ALA F 14 -21.31 -8.90 -23.26
C ALA F 14 -21.65 -10.07 -22.33
N ILE F 15 -22.67 -9.90 -21.51
CA ILE F 15 -23.09 -10.96 -20.59
C ILE F 15 -23.61 -12.17 -21.37
N GLN F 16 -24.43 -11.93 -22.39
CA GLN F 16 -25.01 -13.03 -23.16
C GLN F 16 -23.91 -13.85 -23.83
N ASN F 17 -22.85 -13.17 -24.25
CA ASN F 17 -21.68 -13.84 -24.84
C ASN F 17 -20.97 -14.75 -23.85
N VAL F 18 -20.86 -14.31 -22.59
CA VAL F 18 -20.26 -15.15 -21.55
C VAL F 18 -21.15 -16.36 -21.23
N VAL F 19 -22.45 -16.10 -21.09
CA VAL F 19 -23.46 -17.14 -20.86
C VAL F 19 -23.36 -18.22 -21.93
N ASP F 20 -23.34 -17.78 -23.19
CA ASP F 20 -23.24 -18.71 -24.31
C ASP F 20 -21.89 -19.44 -24.37
N GLY F 21 -20.91 -18.98 -23.59
CA GLY F 21 -19.57 -19.58 -23.56
C GLY F 21 -19.42 -20.84 -22.73
N GLY F 22 -20.44 -21.20 -21.94
CA GLY F 22 -20.40 -22.43 -21.14
C GLY F 22 -19.47 -22.37 -19.94
N TRP F 23 -18.71 -23.43 -19.72
CA TRP F 23 -17.84 -23.54 -18.55
C TRP F 23 -16.51 -22.83 -18.74
N HIS F 24 -16.15 -21.99 -17.76
CA HIS F 24 -14.94 -21.18 -17.81
C HIS F 24 -14.05 -21.54 -16.63
N GLU F 25 -12.80 -21.92 -16.93
CA GLU F 25 -11.83 -22.26 -15.87
C GLU F 25 -11.55 -21.07 -14.97
N THR F 26 -11.43 -21.31 -13.67
CA THR F 26 -11.16 -20.22 -12.75
C THR F 26 -9.81 -19.54 -13.05
N LYS F 27 -9.80 -18.23 -12.93
CA LYS F 27 -8.60 -17.42 -13.11
C LYS F 27 -7.88 -17.14 -11.79
N ARG F 28 -8.50 -17.51 -10.68
CA ARG F 28 -7.90 -17.35 -9.35
C ARG F 28 -8.52 -18.35 -8.39
N LYS F 29 -7.71 -19.28 -7.88
CA LYS F 29 -8.21 -20.28 -6.95
C LYS F 29 -8.75 -19.59 -5.70
N GLY F 30 -9.80 -20.18 -5.11
CA GLY F 30 -10.46 -19.59 -3.95
C GLY F 30 -11.79 -18.93 -4.28
N ASN F 31 -12.49 -18.50 -3.23
CA ASN F 31 -13.83 -17.92 -3.36
C ASN F 31 -13.91 -16.77 -4.34
N THR F 32 -12.85 -15.97 -4.39
CA THR F 32 -12.78 -14.78 -5.24
C THR F 32 -12.83 -15.14 -6.75
N GLY F 33 -12.51 -16.39 -7.07
CA GLY F 33 -12.40 -16.84 -8.45
C GLY F 33 -13.59 -16.55 -9.33
N ILE F 34 -14.81 -16.66 -8.79
CA ILE F 34 -16.01 -16.43 -9.59
C ILE F 34 -16.01 -15.02 -10.20
N GLY F 35 -15.58 -14.03 -9.40
CA GLY F 35 -15.58 -12.63 -9.81
C GLY F 35 -14.40 -12.28 -10.70
N LYS F 36 -13.23 -12.79 -10.31
CA LYS F 36 -11.99 -12.56 -11.07
C LYS F 36 -12.11 -13.14 -12.48
N THR F 37 -12.64 -14.35 -12.57
CA THR F 37 -12.89 -15.02 -13.84
C THR F 37 -13.82 -14.19 -14.74
N PHE F 38 -14.90 -13.68 -14.17
CA PHE F 38 -15.83 -12.89 -14.97
C PHE F 38 -15.24 -11.56 -15.44
N GLU F 39 -14.49 -10.89 -14.56
CA GLU F 39 -13.80 -9.65 -14.91
C GLU F 39 -12.82 -9.90 -16.06
N ASP F 40 -12.07 -10.98 -16.00
CA ASP F 40 -11.15 -11.36 -17.09
C ASP F 40 -11.90 -11.59 -18.41
N LEU F 41 -13.07 -12.23 -18.34
CA LEU F 41 -13.88 -12.44 -19.54
C LEU F 41 -14.39 -11.14 -20.16
N LEU F 42 -14.65 -10.14 -19.31
CA LEU F 42 -15.05 -8.83 -19.81
C LEU F 42 -13.85 -7.91 -20.05
N GLU F 43 -12.65 -8.49 -20.02
CA GLU F 43 -11.40 -7.79 -20.30
C GLU F 43 -11.14 -6.62 -19.35
N LYS F 44 -11.59 -6.77 -18.10
CA LYS F 44 -11.38 -5.76 -17.06
C LYS F 44 -10.20 -6.15 -16.18
N GLU F 45 -9.24 -5.24 -16.03
CA GLU F 45 -8.10 -5.45 -15.14
C GLU F 45 -8.56 -5.24 -13.70
N GLU F 46 -8.07 -6.07 -12.79
CA GLU F 46 -8.45 -5.93 -11.38
C GLU F 46 -7.94 -4.60 -10.85
N ASP F 47 -8.75 -3.97 -10.01
CA ASP F 47 -8.35 -2.74 -9.36
C ASP F 47 -9.01 -2.62 -7.99
N ASN F 48 -8.58 -1.63 -7.23
CA ASN F 48 -9.13 -1.39 -5.90
C ASN F 48 -9.86 -0.05 -5.80
N LEU F 49 -10.36 0.43 -6.93
CA LEU F 49 -11.09 1.69 -6.98
C LEU F 49 -12.57 1.51 -6.65
N ASP F 50 -13.12 2.44 -5.89
CA ASP F 50 -14.53 2.42 -5.51
C ASP F 50 -15.38 3.15 -6.55
N ALA F 51 -15.40 2.58 -7.76
CA ALA F 51 -16.11 3.13 -8.91
C ALA F 51 -16.69 1.94 -9.67
N PRO F 52 -17.61 2.18 -10.63
CA PRO F 52 -18.23 1.04 -11.32
C PRO F 52 -17.25 0.26 -12.21
N ASP F 53 -17.72 -0.87 -12.74
CA ASP F 53 -16.86 -1.83 -13.44
C ASP F 53 -16.92 -1.71 -14.96
N PHE F 54 -18.10 -1.46 -15.49
CA PHE F 54 -18.37 -1.48 -16.93
C PHE F 54 -19.03 -0.15 -17.24
N HIS F 55 -18.23 0.80 -17.69
CA HIS F 55 -18.66 2.19 -17.81
C HIS F 55 -19.28 2.63 -16.47
N ASP F 56 -20.55 2.98 -16.46
CA ASP F 56 -21.21 3.44 -15.23
C ASP F 56 -21.95 2.34 -14.45
N ILE F 57 -21.77 1.09 -14.87
CA ILE F 57 -22.48 -0.05 -14.27
C ILE F 57 -21.56 -0.91 -13.42
N GLU F 58 -22.03 -1.23 -12.22
CA GLU F 58 -21.36 -2.13 -11.31
C GLU F 58 -21.72 -3.58 -11.68
N ILE F 59 -20.73 -4.47 -11.69
CA ILE F 59 -20.96 -5.87 -12.00
C ILE F 59 -20.64 -6.72 -10.77
N LYS F 60 -21.52 -7.67 -10.46
CA LYS F 60 -21.27 -8.60 -9.37
C LYS F 60 -21.66 -9.98 -9.83
N THR F 61 -20.88 -10.98 -9.43
CA THR F 61 -21.24 -12.37 -9.71
C THR F 61 -21.66 -13.03 -8.40
N HIS F 62 -22.51 -14.05 -8.50
CA HIS F 62 -23.04 -14.74 -7.34
C HIS F 62 -23.36 -16.19 -7.70
N GLU F 63 -22.74 -17.13 -7.00
CA GLU F 63 -23.05 -18.56 -7.19
C GLU F 63 -24.36 -18.88 -6.47
N THR F 64 -25.40 -19.12 -7.25
CA THR F 64 -26.75 -19.29 -6.72
C THR F 64 -26.84 -20.34 -5.62
N ALA F 65 -26.25 -21.50 -5.86
CA ALA F 65 -26.36 -22.62 -4.93
C ALA F 65 -25.62 -22.39 -3.62
N ALA F 66 -24.64 -21.48 -3.64
CA ALA F 66 -23.85 -21.19 -2.43
C ALA F 66 -24.61 -20.27 -1.47
N LYS F 67 -25.60 -19.54 -2.00
CA LYS F 67 -26.55 -18.78 -1.17
C LYS F 67 -25.86 -17.79 -0.22
N SER F 68 -24.75 -17.22 -0.66
CA SER F 68 -24.03 -16.25 0.16
C SER F 68 -24.67 -14.87 0.05
N LEU F 69 -24.36 -14.03 1.05
CA LEU F 69 -24.73 -12.63 0.98
C LEU F 69 -24.02 -11.98 -0.20
N LEU F 70 -24.71 -11.04 -0.84
CA LEU F 70 -24.12 -10.27 -1.91
C LEU F 70 -23.38 -9.07 -1.32
N THR F 71 -22.07 -9.02 -1.50
CA THR F 71 -21.28 -7.90 -1.02
C THR F 71 -21.49 -6.68 -1.91
N LEU F 72 -22.04 -5.61 -1.33
CA LEU F 72 -22.33 -4.38 -2.08
C LEU F 72 -21.12 -3.46 -2.21
N PHE F 73 -20.50 -3.15 -1.07
CA PHE F 73 -19.32 -2.30 -1.02
C PHE F 73 -18.69 -2.45 0.34
N THR F 74 -17.43 -2.04 0.46
CA THR F 74 -16.77 -1.99 1.76
C THR F 74 -16.50 -0.52 2.10
N LYS F 75 -16.48 -0.23 3.39
CA LYS F 75 -16.15 1.11 3.87
C LYS F 75 -15.74 1.04 5.32
N SER F 76 -14.55 1.55 5.60
CA SER F 76 -14.07 1.63 6.97
C SER F 76 -14.91 2.64 7.76
N PRO F 77 -15.04 2.43 9.07
CA PRO F 77 -15.79 3.38 9.89
C PRO F 77 -15.32 4.83 9.76
N THR F 78 -16.28 5.73 9.83
CA THR F 78 -16.03 7.17 9.92
C THR F 78 -15.16 7.50 11.15
N ASN F 79 -15.45 6.84 12.26
CA ASN F 79 -14.70 7.01 13.51
C ASN F 79 -14.88 5.78 14.40
N PRO F 80 -13.98 5.58 15.37
CA PRO F 80 -12.75 6.34 15.57
C PRO F 80 -11.71 6.05 14.49
N ARG F 81 -10.66 6.85 14.46
CA ARG F 81 -9.50 6.56 13.63
C ARG F 81 -8.94 5.20 14.03
N GLY F 82 -8.66 4.36 13.04
CA GLY F 82 -8.14 3.02 13.29
C GLY F 82 -9.13 2.07 13.92
N ALA F 83 -10.42 2.31 13.66
CA ALA F 83 -11.48 1.53 14.30
C ALA F 83 -11.34 0.03 14.14
N ASN F 84 -11.07 -0.43 12.93
CA ASN F 84 -10.98 -1.85 12.70
C ASN F 84 -9.83 -2.52 13.43
N THR F 85 -8.73 -1.80 13.57
CA THR F 85 -7.60 -2.32 14.35
C THR F 85 -7.98 -2.41 15.83
N MET F 86 -8.67 -1.40 16.32
CA MET F 86 -9.15 -1.39 17.70
C MET F 86 -10.08 -2.58 17.93
N LEU F 87 -11.00 -2.82 17.00
CA LEU F 87 -11.94 -3.93 17.16
C LEU F 87 -11.22 -5.28 17.20
N ARG F 88 -10.27 -5.46 16.30
CA ARG F 88 -9.49 -6.69 16.24
C ARG F 88 -8.74 -6.92 17.55
N ASN F 89 -8.07 -5.87 18.02
CA ASN F 89 -7.26 -5.97 19.23
C ASN F 89 -8.09 -6.22 20.49
N ARG F 90 -9.21 -5.52 20.58
N ARG F 90 -9.20 -5.50 20.60
CA ARG F 90 -10.01 -5.55 21.80
CA ARG F 90 -10.04 -5.53 21.82
C ARG F 90 -10.97 -6.73 21.88
C ARG F 90 -10.96 -6.74 21.88
N TYR F 91 -11.58 -7.09 20.75
CA TYR F 91 -12.65 -8.09 20.74
C TYR F 91 -12.36 -9.35 19.95
N GLY F 92 -11.22 -9.38 19.27
CA GLY F 92 -10.87 -10.54 18.46
C GLY F 92 -10.40 -11.75 19.26
N LYS F 93 -10.25 -12.88 18.56
CA LYS F 93 -9.71 -14.11 19.14
C LYS F 93 -8.39 -14.45 18.47
N LYS F 94 -7.57 -15.25 19.14
CA LYS F 94 -6.26 -15.61 18.59
C LYS F 94 -6.41 -16.64 17.46
N ASP F 95 -5.66 -16.45 16.38
CA ASP F 95 -5.60 -17.44 15.30
C ASP F 95 -4.31 -18.26 15.37
N GLU F 96 -4.08 -19.13 14.39
CA GLU F 96 -2.92 -20.02 14.36
C GLU F 96 -1.56 -19.31 14.27
N TYR F 97 -1.56 -18.06 13.81
CA TYR F 97 -0.33 -17.30 13.60
C TYR F 97 -0.01 -16.33 14.74
N GLY F 98 -0.91 -16.25 15.73
CA GLY F 98 -0.74 -15.30 16.83
C GLY F 98 -1.42 -13.95 16.61
N ASN F 99 -2.13 -13.82 15.48
CA ASN F 99 -2.95 -12.64 15.21
C ASN F 99 -4.24 -12.71 16.03
N ASN F 100 -4.82 -11.55 16.32
CA ASN F 100 -6.24 -11.50 16.64
C ASN F 100 -7.02 -11.40 15.33
N ILE F 101 -8.10 -12.17 15.24
CA ILE F 101 -9.00 -12.11 14.10
C ILE F 101 -10.39 -11.77 14.60
N LEU F 102 -11.20 -11.25 13.71
CA LEU F 102 -12.57 -10.90 14.06
C LEU F 102 -13.44 -10.93 12.82
N HIS F 103 -14.19 -12.02 12.65
CA HIS F 103 -15.23 -12.11 11.61
C HIS F 103 -16.57 -12.17 12.32
N GLN F 104 -17.39 -11.14 12.11
CA GLN F 104 -18.73 -11.08 12.66
C GLN F 104 -19.68 -10.46 11.65
N THR F 105 -20.78 -11.15 11.37
CA THR F 105 -21.85 -10.63 10.51
C THR F 105 -22.90 -10.01 11.41
N VAL F 106 -22.95 -8.68 11.37
CA VAL F 106 -23.74 -7.92 12.35
C VAL F 106 -25.05 -7.44 11.74
N SER F 107 -26.10 -7.51 12.55
CA SER F 107 -27.46 -7.14 12.15
C SER F 107 -28.01 -6.00 12.99
N GLY F 108 -29.05 -5.34 12.50
CA GLY F 108 -29.70 -4.28 13.25
C GLY F 108 -30.90 -4.72 14.05
N ASN F 109 -31.36 -5.96 13.84
CA ASN F 109 -32.59 -6.40 14.51
C ASN F 109 -32.37 -7.33 15.71
N ARG F 110 -31.13 -7.80 15.90
CA ARG F 110 -30.81 -8.73 16.98
C ARG F 110 -29.30 -8.67 17.17
N LYS F 111 -28.84 -9.08 18.34
CA LYS F 111 -27.40 -9.19 18.55
C LYS F 111 -26.94 -10.58 18.12
N THR F 112 -25.66 -10.72 17.82
CA THR F 112 -25.09 -12.03 17.52
C THR F 112 -25.10 -12.92 18.76
N ASN F 113 -25.02 -14.23 18.54
CA ASN F 113 -24.80 -15.18 19.61
C ASN F 113 -23.57 -16.01 19.28
N SER F 114 -22.41 -15.46 19.59
CA SER F 114 -21.15 -16.07 19.18
C SER F 114 -20.70 -17.15 20.14
N ASN F 115 -20.30 -18.28 19.57
CA ASN F 115 -19.77 -19.37 20.36
C ASN F 115 -18.26 -19.27 20.50
N SER F 116 -17.62 -18.68 19.49
CA SER F 116 -16.16 -18.65 19.36
C SER F 116 -15.52 -17.39 19.94
N TYR F 117 -16.31 -16.33 20.07
CA TYR F 117 -15.80 -15.05 20.53
C TYR F 117 -16.37 -14.73 21.89
N ASN F 118 -15.72 -13.79 22.59
CA ASN F 118 -16.15 -13.40 23.93
C ASN F 118 -17.02 -12.14 23.94
N TYR F 119 -17.45 -11.71 22.75
CA TYR F 119 -18.27 -10.52 22.59
C TYR F 119 -19.33 -10.73 21.56
N ASP F 120 -20.41 -9.95 21.69
CA ASP F 120 -21.49 -9.95 20.72
C ASP F 120 -21.71 -8.56 20.16
N PHE F 121 -22.42 -8.50 19.04
CA PHE F 121 -22.47 -7.26 18.26
C PHE F 121 -23.86 -7.01 17.71
N LYS F 122 -24.21 -5.73 17.60
CA LYS F 122 -25.48 -5.30 17.01
C LYS F 122 -25.23 -3.95 16.35
N ILE F 123 -26.04 -3.63 15.34
CA ILE F 123 -26.07 -2.30 14.75
C ILE F 123 -27.25 -1.50 15.27
N ASP F 124 -27.00 -0.23 15.62
CA ASP F 124 -28.09 0.74 15.81
C ASP F 124 -28.09 1.72 14.67
N ILE F 125 -29.23 1.85 14.01
CA ILE F 125 -29.37 2.90 13.04
C ILE F 125 -29.92 4.11 13.78
N ASP F 126 -29.13 5.17 13.84
CA ASP F 126 -29.55 6.40 14.53
C ASP F 126 -30.06 7.34 13.45
N TRP F 127 -31.38 7.34 13.25
CA TRP F 127 -31.98 8.15 12.20
C TRP F 127 -31.93 9.63 12.52
N GLU F 128 -31.91 9.97 13.80
CA GLU F 128 -31.83 11.37 14.21
C GLU F 128 -30.48 12.01 13.89
N SER F 129 -29.40 11.35 14.29
CA SER F 129 -28.07 11.89 14.03
C SER F 129 -27.50 11.42 12.69
N GLN F 130 -28.23 10.54 12.01
CA GLN F 130 -27.83 9.99 10.71
C GLN F 130 -26.46 9.29 10.72
N VAL F 131 -26.35 8.33 11.63
CA VAL F 131 -25.20 7.42 11.67
C VAL F 131 -25.65 5.97 11.81
N VAL F 132 -24.79 5.07 11.35
CA VAL F 132 -24.88 3.66 11.58
C VAL F 132 -23.86 3.35 12.65
N ARG F 133 -24.31 2.87 13.81
CA ARG F 133 -23.44 2.70 14.96
C ARG F 133 -23.31 1.26 15.38
N LEU F 134 -22.09 0.80 15.64
CA LEU F 134 -21.83 -0.56 16.09
C LEU F 134 -21.86 -0.60 17.60
N GLU F 135 -22.64 -1.53 18.14
CA GLU F 135 -22.72 -1.76 19.58
C GLU F 135 -22.08 -3.08 19.90
N VAL F 136 -21.17 -3.05 20.89
CA VAL F 136 -20.45 -4.24 21.33
C VAL F 136 -20.92 -4.62 22.73
N PHE F 137 -21.20 -5.90 22.92
CA PHE F 137 -21.69 -6.39 24.22
C PHE F 137 -20.76 -7.46 24.75
N ASP F 138 -20.53 -7.45 26.06
CA ASP F 138 -19.83 -8.56 26.68
C ASP F 138 -20.82 -9.70 26.91
N LYS F 139 -20.33 -10.82 27.45
CA LYS F 139 -21.17 -12.00 27.63
C LYS F 139 -22.18 -11.89 28.78
N GLN F 140 -22.05 -10.83 29.59
CA GLN F 140 -23.07 -10.50 30.58
C GLN F 140 -24.17 -9.57 30.02
N ASP F 141 -24.13 -9.36 28.70
CA ASP F 141 -25.13 -8.55 27.97
C ASP F 141 -25.04 -7.06 28.30
N ILE F 142 -23.86 -6.62 28.70
CA ILE F 142 -23.62 -5.19 28.93
C ILE F 142 -23.06 -4.56 27.66
N MET F 143 -23.68 -3.46 27.22
CA MET F 143 -23.17 -2.70 26.09
C MET F 143 -21.95 -1.90 26.52
N ILE F 144 -20.78 -2.34 26.07
CA ILE F 144 -19.51 -1.81 26.55
C ILE F 144 -18.82 -0.82 25.61
N ASP F 145 -19.30 -0.71 24.37
CA ASP F 145 -18.60 0.08 23.35
C ASP F 145 -19.54 0.37 22.19
N ASN F 146 -19.95 1.63 22.05
CA ASN F 146 -20.64 2.04 20.83
C ASN F 146 -19.90 3.17 20.11
N SER F 147 -18.58 3.15 20.18
CA SER F 147 -17.78 4.22 19.59
C SER F 147 -17.67 4.17 18.06
N VAL F 148 -17.82 2.97 17.49
CA VAL F 148 -17.59 2.80 16.05
C VAL F 148 -18.84 3.17 15.24
N TYR F 149 -18.69 4.06 14.26
CA TYR F 149 -19.84 4.43 13.43
C TYR F 149 -19.46 4.84 12.01
N TRP F 150 -20.48 4.83 11.15
CA TRP F 150 -20.40 5.31 9.77
C TRP F 150 -21.43 6.40 9.64
N SER F 151 -21.05 7.57 9.14
CA SER F 151 -22.04 8.58 8.83
C SER F 151 -22.90 8.15 7.63
N PHE F 152 -24.17 8.56 7.61
CA PHE F 152 -25.00 8.32 6.44
C PHE F 152 -24.34 8.91 5.19
N ASP F 153 -23.76 10.11 5.33
CA ASP F 153 -23.10 10.75 4.19
C ASP F 153 -21.99 9.91 3.59
N SER F 154 -21.19 9.27 4.43
N SER F 154 -21.20 9.26 4.44
CA SER F 154 -20.10 8.42 3.95
CA SER F 154 -20.10 8.41 3.98
C SER F 154 -20.66 7.26 3.14
C SER F 154 -20.62 7.21 3.19
N LEU F 155 -21.74 6.66 3.64
CA LEU F 155 -22.33 5.51 2.95
C LEU F 155 -22.98 5.93 1.65
N GLN F 156 -23.70 7.06 1.68
CA GLN F 156 -24.32 7.57 0.47
C GLN F 156 -23.27 7.90 -0.58
N ASN F 157 -22.14 8.42 -0.13
N ASN F 157 -22.13 8.41 -0.16
CA ASN F 157 -20.99 8.70 -0.99
CA ASN F 157 -21.04 8.71 -1.09
C ASN F 157 -20.56 7.47 -1.79
C ASN F 157 -20.55 7.46 -1.82
N GLN F 158 -20.39 6.34 -1.11
CA GLN F 158 -19.99 5.09 -1.77
C GLN F 158 -21.09 4.61 -2.72
N LEU F 159 -22.36 4.72 -2.30
CA LEU F 159 -23.47 4.32 -3.18
C LEU F 159 -23.47 5.14 -4.46
N ASP F 160 -23.24 6.45 -4.32
CA ASP F 160 -23.23 7.35 -5.46
C ASP F 160 -22.12 7.02 -6.44
N LYS F 161 -20.93 6.72 -5.90
CA LYS F 161 -19.73 6.51 -6.70
C LYS F 161 -19.77 5.19 -7.45
N LYS F 162 -20.41 4.19 -6.86
CA LYS F 162 -20.23 2.80 -7.27
C LYS F 162 -21.52 2.08 -7.74
N LEU F 163 -22.65 2.36 -7.09
CA LEU F 163 -23.78 1.43 -7.11
C LEU F 163 -25.09 1.98 -7.67
N LYS F 164 -25.00 2.93 -8.60
CA LYS F 164 -26.21 3.42 -9.27
C LYS F 164 -26.93 2.31 -10.06
N TYR F 165 -26.16 1.47 -10.75
CA TYR F 165 -26.70 0.38 -11.52
C TYR F 165 -25.90 -0.87 -11.18
N ILE F 166 -26.56 -1.86 -10.61
CA ILE F 166 -25.87 -3.07 -10.19
C ILE F 166 -26.35 -4.28 -11.00
N ALA F 167 -25.50 -4.76 -11.88
CA ALA F 167 -25.79 -5.94 -12.68
C ALA F 167 -25.30 -7.15 -11.91
N VAL F 168 -26.24 -7.99 -11.48
CA VAL F 168 -25.91 -9.18 -10.70
C VAL F 168 -26.05 -10.39 -11.60
N ILE F 169 -24.93 -11.08 -11.77
CA ILE F 169 -24.84 -12.24 -12.66
C ILE F 169 -24.86 -13.52 -11.82
N SER F 170 -25.87 -14.34 -12.03
CA SER F 170 -26.02 -15.58 -11.27
C SER F 170 -25.31 -16.72 -11.99
N ALA F 171 -24.65 -17.57 -11.21
CA ALA F 171 -23.75 -18.57 -11.78
C ALA F 171 -23.80 -19.90 -11.04
N GLU F 172 -23.15 -20.88 -11.63
CA GLU F 172 -22.95 -22.17 -10.99
C GLU F 172 -21.49 -22.54 -11.11
N SER F 173 -21.07 -23.52 -10.30
CA SER F 173 -19.69 -23.96 -10.32
C SER F 173 -19.62 -25.48 -10.35
N LYS F 174 -18.47 -25.99 -10.77
CA LYS F 174 -18.17 -27.41 -10.66
C LYS F 174 -16.66 -27.60 -10.54
N ILE F 175 -16.27 -28.79 -10.10
CA ILE F 175 -14.87 -29.15 -10.14
C ILE F 175 -14.76 -30.28 -11.15
N GLU F 176 -13.85 -30.10 -12.10
CA GLU F 176 -13.64 -31.04 -13.20
C GLU F 176 -12.15 -31.12 -13.45
N ASN F 177 -11.61 -32.34 -13.50
CA ASN F 177 -10.17 -32.54 -13.69
C ASN F 177 -9.36 -31.76 -12.64
N GLU F 178 -9.85 -31.76 -11.41
CA GLU F 178 -9.23 -31.08 -10.27
C GLU F 178 -9.04 -29.57 -10.47
N LYS F 179 -9.93 -28.97 -11.27
CA LYS F 179 -9.91 -27.54 -11.54
C LYS F 179 -11.31 -26.98 -11.33
N LYS F 180 -11.39 -25.78 -10.78
CA LYS F 180 -12.67 -25.10 -10.58
C LYS F 180 -13.15 -24.43 -11.87
N TYR F 181 -14.43 -24.63 -12.21
CA TYR F 181 -15.04 -24.00 -13.38
C TYR F 181 -16.30 -23.25 -12.98
N TYR F 182 -16.55 -22.14 -13.69
CA TYR F 182 -17.77 -21.36 -13.50
C TYR F 182 -18.57 -21.25 -14.78
N LYS F 183 -19.89 -21.30 -14.63
CA LYS F 183 -20.83 -21.12 -15.73
C LYS F 183 -21.80 -20.04 -15.32
N TYR F 184 -21.88 -19.00 -16.13
CA TYR F 184 -22.75 -17.85 -15.82
C TYR F 184 -24.04 -18.04 -16.58
N ASN F 185 -25.16 -17.85 -15.90
CA ASN F 185 -26.46 -18.28 -16.42
C ASN F 185 -27.50 -17.21 -16.70
N SER F 186 -27.48 -16.14 -15.91
CA SER F 186 -28.54 -15.13 -15.99
C SER F 186 -28.07 -13.85 -15.32
N ALA F 187 -28.80 -12.77 -15.53
CA ALA F 187 -28.44 -11.50 -14.88
C ALA F 187 -29.64 -10.61 -14.69
N ASN F 188 -29.64 -9.91 -13.55
CA ASN F 188 -30.63 -8.88 -13.24
C ASN F 188 -29.94 -7.56 -12.99
N LEU F 189 -30.67 -6.46 -13.20
CA LEU F 189 -30.18 -5.14 -12.86
C LEU F 189 -30.90 -4.63 -11.62
N PHE F 190 -30.13 -4.35 -10.57
CA PHE F 190 -30.63 -3.85 -9.28
C PHE F 190 -30.36 -2.36 -9.20
N THR F 191 -31.42 -1.57 -9.14
CA THR F 191 -31.32 -0.10 -9.13
C THR F 191 -32.06 0.47 -7.92
N ASP F 192 -31.81 1.75 -7.66
CA ASP F 192 -32.55 2.51 -6.64
C ASP F 192 -32.21 2.13 -5.19
N LEU F 193 -31.05 1.51 -5.00
CA LEU F 193 -30.52 1.36 -3.66
C LEU F 193 -30.10 2.75 -3.19
N THR F 194 -30.66 3.21 -2.08
CA THR F 194 -30.34 4.52 -1.50
C THR F 194 -29.81 4.33 -0.08
N VAL F 195 -29.24 5.38 0.51
CA VAL F 195 -28.75 5.23 1.88
C VAL F 195 -29.93 4.96 2.83
N GLN F 196 -31.11 5.50 2.48
CA GLN F 196 -32.29 5.27 3.29
C GLN F 196 -32.76 3.81 3.21
N SER F 197 -32.75 3.22 2.01
CA SER F 197 -33.15 1.82 1.88
C SER F 197 -32.07 0.91 2.48
N LEU F 198 -30.81 1.27 2.27
CA LEU F 198 -29.70 0.55 2.89
C LEU F 198 -29.85 0.45 4.40
N CYS F 199 -30.09 1.60 5.04
CA CYS F 199 -30.18 1.62 6.48
C CYS F 199 -31.44 0.93 7.00
N ARG F 200 -32.54 1.02 6.25
CA ARG F 200 -33.76 0.29 6.60
C ARG F 200 -33.49 -1.22 6.56
N GLY F 201 -32.74 -1.67 5.55
CA GLY F 201 -32.35 -3.06 5.45
C GLY F 201 -31.46 -3.54 6.59
N ILE F 202 -30.55 -2.68 7.03
CA ILE F 202 -29.70 -3.01 8.15
C ILE F 202 -30.57 -3.16 9.39
N GLU F 203 -31.47 -2.20 9.58
CA GLU F 203 -32.35 -2.23 10.75
C GLU F 203 -33.19 -3.50 10.82
N ASN F 204 -33.66 -3.97 9.65
CA ASN F 204 -34.60 -5.10 9.53
C ASN F 204 -33.89 -6.47 9.56
N GLY F 205 -32.61 -6.48 9.23
CA GLY F 205 -31.80 -7.71 9.24
C GLY F 205 -31.49 -8.23 7.84
N ASP F 206 -32.06 -7.61 6.82
CA ASP F 206 -31.86 -8.08 5.45
C ASP F 206 -30.51 -7.67 4.85
N ILE F 207 -29.90 -6.63 5.41
CA ILE F 207 -28.60 -6.16 4.99
C ILE F 207 -27.72 -6.22 6.22
N LYS F 208 -26.50 -6.74 6.04
CA LYS F 208 -25.58 -6.94 7.16
C LYS F 208 -24.40 -5.99 7.08
N VAL F 209 -23.88 -5.65 8.26
CA VAL F 209 -22.59 -5.00 8.36
C VAL F 209 -21.63 -6.09 8.79
N ASP F 210 -20.74 -6.45 7.88
CA ASP F 210 -19.90 -7.61 8.07
C ASP F 210 -18.46 -7.18 8.37
N ILE F 211 -18.03 -7.48 9.61
CA ILE F 211 -16.66 -7.22 10.03
C ILE F 211 -15.85 -8.44 9.61
N ARG F 212 -14.77 -8.20 8.86
CA ARG F 212 -14.09 -9.27 8.14
C ARG F 212 -12.58 -9.20 8.28
N ILE F 213 -12.13 -9.45 9.50
CA ILE F 213 -10.72 -9.30 9.82
C ILE F 213 -10.12 -10.67 10.05
N GLY F 214 -9.36 -11.12 9.07
CA GLY F 214 -8.76 -12.44 9.13
C GLY F 214 -7.25 -12.37 8.95
N ALA F 215 -6.71 -13.33 8.20
CA ALA F 215 -5.29 -13.37 7.92
C ALA F 215 -5.07 -13.84 6.49
N TYR F 216 -3.91 -13.49 5.91
CA TYR F 216 -3.49 -14.03 4.62
C TYR F 216 -2.92 -15.42 4.89
N HIS F 217 -3.12 -16.34 3.96
CA HIS F 217 -2.75 -17.74 4.17
C HIS F 217 -1.79 -18.30 3.12
N SER F 218 -1.59 -17.54 2.05
CA SER F 218 -0.67 -17.93 0.97
C SER F 218 0.17 -16.76 0.49
N GLY F 219 1.40 -17.07 0.08
CA GLY F 219 2.33 -16.08 -0.48
C GLY F 219 3.25 -15.46 0.55
N LYS F 220 3.91 -14.38 0.14
CA LYS F 220 4.82 -13.61 1.01
C LYS F 220 4.12 -13.05 2.24
N LYS F 221 2.81 -12.83 2.13
CA LYS F 221 2.01 -12.24 3.20
C LYS F 221 1.41 -13.28 4.16
N LYS F 222 1.70 -14.57 3.95
CA LYS F 222 1.19 -15.63 4.81
C LYS F 222 1.35 -15.32 6.30
N GLY F 223 0.22 -15.34 7.02
CA GLY F 223 0.20 -15.09 8.46
C GLY F 223 0.01 -13.64 8.87
N LYS F 224 0.00 -12.74 7.88
CA LYS F 224 -0.21 -11.32 8.12
C LYS F 224 -1.71 -11.07 8.32
N THR F 225 -2.03 -10.16 9.22
CA THR F 225 -3.43 -9.73 9.40
C THR F 225 -4.02 -9.26 8.07
N HIS F 226 -5.24 -9.71 7.78
CA HIS F 226 -5.93 -9.35 6.53
C HIS F 226 -7.34 -8.87 6.81
N ASP F 227 -7.49 -7.55 6.94
CA ASP F 227 -8.80 -6.94 7.00
C ASP F 227 -9.32 -6.86 5.57
N HIS F 228 -10.38 -7.63 5.28
CA HIS F 228 -10.97 -7.66 3.95
C HIS F 228 -11.81 -6.42 3.69
N GLY F 229 -11.93 -5.57 4.71
CA GLY F 229 -12.79 -4.39 4.63
C GLY F 229 -14.15 -4.70 5.19
N THR F 230 -14.68 -3.77 5.99
CA THR F 230 -16.03 -3.95 6.52
C THR F 230 -17.03 -3.78 5.39
N ALA F 231 -17.86 -4.80 5.23
CA ALA F 231 -18.73 -4.93 4.06
C ALA F 231 -20.19 -4.78 4.37
N PHE F 232 -20.89 -4.12 3.47
CA PHE F 232 -22.33 -4.00 3.53
C PHE F 232 -22.87 -5.00 2.54
N ARG F 233 -23.63 -5.98 3.06
CA ARG F 233 -23.96 -7.19 2.30
C ARG F 233 -25.44 -7.50 2.38
N ILE F 234 -26.05 -7.88 1.27
CA ILE F 234 -27.50 -8.03 1.20
C ILE F 234 -27.90 -9.47 0.90
N ASN F 235 -29.00 -9.90 1.52
CA ASN F 235 -29.63 -11.17 1.22
C ASN F 235 -30.23 -11.09 -0.19
N MET F 236 -29.77 -11.97 -1.08
CA MET F 236 -30.20 -11.97 -2.49
C MET F 236 -31.70 -12.16 -2.66
N GLU F 237 -32.31 -12.80 -1.67
CA GLU F 237 -33.75 -13.04 -1.75
C GLU F 237 -34.58 -11.79 -1.44
N LYS F 238 -33.92 -10.71 -1.01
CA LYS F 238 -34.62 -9.52 -0.52
C LYS F 238 -34.43 -8.27 -1.36
N LEU F 239 -33.78 -8.37 -2.53
CA LEU F 239 -33.42 -7.17 -3.31
C LEU F 239 -34.61 -6.26 -3.57
N LEU F 240 -35.76 -6.86 -3.86
CA LEU F 240 -36.92 -6.08 -4.28
C LEU F 240 -37.49 -5.18 -3.19
N GLU F 241 -37.12 -5.43 -1.94
CA GLU F 241 -37.57 -4.58 -0.85
C GLU F 241 -36.69 -3.34 -0.68
N TYR F 242 -35.56 -3.29 -1.40
CA TYR F 242 -34.58 -2.22 -1.21
C TYR F 242 -34.24 -1.45 -2.47
N GLY F 243 -34.87 -1.83 -3.58
CA GLY F 243 -34.67 -1.19 -4.85
C GLY F 243 -35.55 -1.87 -5.86
N GLU F 244 -35.26 -1.61 -7.13
CA GLU F 244 -35.93 -2.22 -8.25
C GLU F 244 -35.02 -3.25 -8.90
N VAL F 245 -35.61 -4.33 -9.39
CA VAL F 245 -34.85 -5.39 -10.05
C VAL F 245 -35.53 -5.71 -11.38
N LYS F 246 -34.73 -5.72 -12.43
CA LYS F 246 -35.23 -6.07 -13.76
C LYS F 246 -34.29 -7.03 -14.45
N VAL F 247 -34.86 -8.00 -15.15
CA VAL F 247 -34.09 -8.96 -15.93
C VAL F 247 -33.26 -8.29 -17.00
N ILE F 248 -32.00 -8.71 -17.12
CA ILE F 248 -31.14 -8.33 -18.22
C ILE F 248 -30.99 -9.51 -19.18
N VAL F 249 -30.55 -10.66 -18.66
CA VAL F 249 -30.28 -11.87 -19.45
C VAL F 249 -30.99 -13.07 -18.81
#